data_4Q9B
#
_entry.id   4Q9B
#
_cell.length_a   41.840
_cell.length_b   48.450
_cell.length_c   47.190
_cell.angle_alpha   90.00
_cell.angle_beta   110.31
_cell.angle_gamma   90.00
#
_symmetry.space_group_name_H-M   'P 1 21 1'
#
loop_
_entity.id
_entity.type
_entity.pdbx_description
1 polymer 'Novel antigen receptor'
2 water water
#
_entity_poly.entity_id   1
_entity_poly.type   'polypeptide(L)'
_entity_poly.pdbx_seq_one_letter_code
;GSEIAVLLRDPTVEEIWIDKSATLVCEVLSTVSAGVVVSWMVNGKVRNEGVQMEPTKMSGNQYLTISRLTSSVEEWQSGV
EYTCSAKQDQSSTPVVKRTRKAR
;
_entity_poly.pdbx_strand_id   A,B
#
# COMPACT_ATOMS: atom_id res chain seq x y z
N SER A 2 -12.32 17.54 12.64
CA SER A 2 -12.18 16.29 13.45
C SER A 2 -11.95 15.00 12.65
N GLU A 3 -12.10 15.02 11.32
CA GLU A 3 -12.09 13.78 10.55
C GLU A 3 -10.68 13.29 10.19
N ILE A 4 -10.43 12.03 10.50
CA ILE A 4 -9.17 11.38 10.18
C ILE A 4 -9.24 10.76 8.79
N ALA A 5 -8.07 10.56 8.18
CA ALA A 5 -7.95 9.85 6.93
C ALA A 5 -7.28 8.54 7.24
N VAL A 6 -7.88 7.45 6.78
CA VAL A 6 -7.37 6.11 7.06
C VAL A 6 -7.05 5.42 5.76
N LEU A 7 -5.80 4.99 5.63
CA LEU A 7 -5.31 4.29 4.45
C LEU A 7 -4.82 2.91 4.86
N LEU A 8 -5.44 1.88 4.29
CA LEU A 8 -5.11 0.48 4.61
C LEU A 8 -4.29 -0.10 3.46
N ARG A 9 -3.08 -0.58 3.79
CA ARG A 9 -2.17 -1.15 2.81
C ARG A 9 -2.22 -2.66 2.87
N ASP A 10 -2.46 -3.28 1.72
CA ASP A 10 -2.39 -4.72 1.57
C ASP A 10 -0.95 -5.20 1.69
N PRO A 11 -0.76 -6.47 2.06
CA PRO A 11 0.57 -7.04 1.84
C PRO A 11 0.91 -6.99 0.35
N THR A 12 2.16 -6.76 0.02
CA THR A 12 2.57 -6.77 -1.39
C THR A 12 2.74 -8.22 -1.84
N VAL A 13 2.66 -8.47 -3.14
CA VAL A 13 2.88 -9.79 -3.67
C VAL A 13 4.33 -10.16 -3.41
N GLU A 14 5.22 -9.17 -3.48
CA GLU A 14 6.62 -9.39 -3.12
C GLU A 14 6.76 -9.95 -1.70
N GLU A 15 6.09 -9.32 -0.72
CA GLU A 15 6.15 -9.82 0.65
C GLU A 15 5.66 -11.26 0.69
N ILE A 16 4.54 -11.53 0.04
CA ILE A 16 3.93 -12.87 0.06
C ILE A 16 4.87 -13.91 -0.54
N TRP A 17 5.48 -13.57 -1.67
CA TRP A 17 6.30 -14.52 -2.41
C TRP A 17 7.67 -14.77 -1.79
N ILE A 18 8.35 -13.69 -1.40
CA ILE A 18 9.76 -13.83 -1.02
C ILE A 18 9.96 -13.71 0.51
N ASP A 19 9.22 -12.81 1.17
CA ASP A 19 9.21 -12.75 2.64
C ASP A 19 8.41 -13.88 3.30
N LYS A 20 7.47 -14.46 2.57
CA LYS A 20 6.54 -15.48 3.12
C LYS A 20 5.76 -14.99 4.35
N SER A 21 5.36 -13.73 4.31
CA SER A 21 4.51 -13.15 5.34
C SER A 21 3.50 -12.23 4.69
N ALA A 22 2.54 -11.77 5.49
CA ALA A 22 1.55 -10.83 5.03
C ALA A 22 1.31 -9.81 6.11
N THR A 23 1.76 -8.59 5.85
CA THR A 23 1.68 -7.51 6.83
C THR A 23 0.77 -6.46 6.25
N LEU A 24 -0.33 -6.21 6.96
CA LEU A 24 -1.23 -5.12 6.63
C LEU A 24 -0.86 -3.90 7.46
N VAL A 25 -0.98 -2.73 6.84
CA VAL A 25 -0.59 -1.50 7.52
C VAL A 25 -1.71 -0.49 7.42
N CYS A 26 -2.18 -0.02 8.56
CA CYS A 26 -3.18 1.03 8.64
C CYS A 26 -2.48 2.32 9.02
N GLU A 27 -2.48 3.28 8.10
CA GLU A 27 -1.91 4.59 8.28
C GLU A 27 -3.01 5.57 8.52
N VAL A 28 -2.96 6.28 9.65
CA VAL A 28 -4.01 7.22 10.00
C VAL A 28 -3.45 8.63 10.09
N LEU A 29 -4.00 9.54 9.29
CA LEU A 29 -3.57 10.93 9.25
C LEU A 29 -4.63 11.86 9.84
N SER A 30 -4.17 12.85 10.59
CA SER A 30 -5.09 13.82 11.20
C SER A 30 -4.46 15.19 11.26
N THR A 31 -5.31 16.21 11.23
CA THR A 31 -4.93 17.60 11.42
C THR A 31 -5.06 18.00 12.89
N VAL A 32 -5.37 17.00 13.73
CA VAL A 32 -5.59 17.21 15.15
C VAL A 32 -4.69 16.25 15.96
N SER A 33 -4.34 16.69 17.18
CA SER A 33 -3.34 16.01 18.01
C SER A 33 -3.88 14.81 18.79
N ALA A 34 -5.19 14.71 18.89
CA ALA A 34 -5.85 13.63 19.63
C ALA A 34 -5.36 12.23 19.27
N GLY A 35 -5.20 11.39 20.30
CA GLY A 35 -4.71 10.04 20.13
C GLY A 35 -5.66 9.14 19.35
N VAL A 36 -5.09 8.13 18.71
CA VAL A 36 -5.83 7.24 17.82
C VAL A 36 -5.59 5.80 18.23
N VAL A 37 -6.68 5.04 18.32
CA VAL A 37 -6.63 3.59 18.55
C VAL A 37 -7.11 2.91 17.27
N VAL A 38 -6.41 1.85 16.87
CA VAL A 38 -6.76 1.07 15.70
C VAL A 38 -7.07 -0.34 16.19
N SER A 39 -8.28 -0.81 15.89
CA SER A 39 -8.76 -2.14 16.25
C SER A 39 -8.91 -2.97 14.97
N TRP A 40 -8.40 -4.20 14.99
CA TRP A 40 -8.44 -5.08 13.83
C TRP A 40 -9.40 -6.24 14.03
N MET A 41 -10.06 -6.62 12.94
CA MET A 41 -10.77 -7.90 12.85
C MET A 41 -10.21 -8.69 11.68
N VAL A 42 -10.18 -10.01 11.84
CA VAL A 42 -9.85 -10.94 10.77
C VAL A 42 -10.92 -12.02 10.77
N ASN A 43 -11.51 -12.25 9.60
CA ASN A 43 -12.59 -13.23 9.47
C ASN A 43 -13.74 -12.96 10.47
N GLY A 44 -14.04 -11.68 10.66
CA GLY A 44 -15.08 -11.24 11.61
C GLY A 44 -14.79 -11.41 13.09
N LYS A 45 -13.55 -11.77 13.45
CA LYS A 45 -13.17 -11.98 14.84
C LYS A 45 -12.15 -10.93 15.24
N VAL A 46 -12.25 -10.48 16.48
CA VAL A 46 -11.25 -9.57 17.06
C VAL A 46 -9.86 -10.19 16.90
N ARG A 47 -8.91 -9.40 16.41
CA ARG A 47 -7.53 -9.84 16.32
C ARG A 47 -6.62 -8.90 17.10
N ASN A 48 -6.01 -9.42 18.15
CA ASN A 48 -5.00 -8.70 18.91
C ASN A 48 -3.59 -9.22 18.65
N GLU A 49 -3.48 -10.53 18.42
CA GLU A 49 -2.18 -11.12 18.13
C GLU A 49 -1.68 -10.59 16.81
N GLY A 50 -0.40 -10.22 16.78
CA GLY A 50 0.26 -9.75 15.57
C GLY A 50 0.05 -8.27 15.29
N VAL A 51 -0.61 -7.56 16.22
CA VAL A 51 -0.86 -6.15 16.05
C VAL A 51 0.17 -5.34 16.83
N GLN A 52 0.81 -4.40 16.14
CA GLN A 52 1.76 -3.46 16.74
C GLN A 52 1.40 -2.05 16.34
N MET A 53 1.10 -1.21 17.33
CA MET A 53 0.87 0.21 17.06
C MET A 53 2.09 1.01 17.46
N GLU A 54 2.44 1.94 16.59
CA GLU A 54 3.58 2.80 16.82
C GLU A 54 3.09 4.07 17.46
N PRO A 55 3.94 4.71 18.27
CA PRO A 55 3.48 5.97 18.82
C PRO A 55 3.19 6.99 17.71
N THR A 56 2.19 7.82 17.91
CA THR A 56 1.86 8.90 16.97
C THR A 56 3.08 9.78 16.71
N LYS A 57 3.28 10.09 15.43
CA LYS A 57 4.32 11.02 15.02
C LYS A 57 3.69 12.36 14.69
N MET A 58 4.37 13.46 15.05
CA MET A 58 3.89 14.78 14.70
C MET A 58 4.81 15.36 13.64
N SER A 59 4.22 15.96 12.61
CA SER A 59 4.96 16.78 11.65
C SER A 59 4.87 18.24 12.08
N GLY A 60 4.45 19.11 11.17
CA GLY A 60 4.19 20.49 11.50
C GLY A 60 2.80 20.63 12.07
N ASN A 61 1.80 20.36 11.23
CA ASN A 61 0.40 20.53 11.62
C ASN A 61 -0.40 19.26 11.52
N GLN A 62 0.26 18.14 11.24
CA GLN A 62 -0.44 16.87 11.09
C GLN A 62 0.12 15.81 12.00
N TYR A 63 -0.67 14.75 12.18
CA TYR A 63 -0.34 13.63 13.06
C TYR A 63 -0.55 12.30 12.34
N LEU A 64 0.47 11.45 12.42
CA LEU A 64 0.49 10.14 11.74
C LEU A 64 0.53 9.00 12.74
N THR A 65 -0.48 8.14 12.73
CA THR A 65 -0.53 6.98 13.59
C THR A 65 -0.57 5.72 12.73
N ILE A 66 0.36 4.81 12.96
CA ILE A 66 0.49 3.59 12.17
C ILE A 66 0.24 2.37 13.05
N SER A 67 -0.60 1.46 12.57
CA SER A 67 -0.77 0.16 13.18
C SER A 67 -0.53 -0.90 12.14
N ARG A 68 0.27 -1.90 12.49
CA ARG A 68 0.54 -3.01 11.57
C ARG A 68 -0.01 -4.30 12.11
N LEU A 69 -0.61 -5.09 11.23
CA LEU A 69 -1.11 -6.43 11.54
C LEU A 69 -0.29 -7.43 10.75
N THR A 70 0.47 -8.27 11.47
CA THR A 70 1.17 -9.38 10.85
C THR A 70 0.27 -10.62 10.82
N SER A 71 0.11 -11.16 9.61
CA SER A 71 -0.73 -12.31 9.30
C SER A 71 0.13 -13.33 8.53
N SER A 72 -0.32 -14.57 8.48
CA SER A 72 0.40 -15.57 7.70
C SER A 72 0.08 -15.43 6.22
N VAL A 73 0.97 -15.88 5.35
CA VAL A 73 0.62 -15.99 3.92
C VAL A 73 -0.61 -16.86 3.71
N GLU A 74 -0.72 -17.94 4.48
CA GLU A 74 -1.88 -18.83 4.39
C GLU A 74 -3.19 -18.14 4.78
N GLU A 75 -3.16 -17.30 5.82
CA GLU A 75 -4.36 -16.57 6.20
C GLU A 75 -4.76 -15.57 5.11
N TRP A 76 -3.79 -14.81 4.60
CA TRP A 76 -4.10 -13.90 3.51
C TRP A 76 -4.66 -14.67 2.32
N GLN A 77 -4.02 -15.78 1.98
CA GLN A 77 -4.43 -16.55 0.79
C GLN A 77 -5.56 -17.54 1.07
N SER A 78 -6.24 -17.40 2.22
CA SER A 78 -7.49 -18.11 2.48
C SER A 78 -8.71 -17.29 2.03
N GLY A 79 -8.47 -16.00 1.74
CA GLY A 79 -9.53 -15.11 1.25
C GLY A 79 -10.37 -14.45 2.33
N VAL A 80 -10.01 -14.64 3.59
CA VAL A 80 -10.76 -13.98 4.68
C VAL A 80 -10.61 -12.46 4.65
N GLU A 81 -11.62 -11.79 5.21
CA GLU A 81 -11.68 -10.35 5.25
C GLU A 81 -10.88 -9.83 6.44
N TYR A 82 -10.18 -8.72 6.22
CA TYR A 82 -9.46 -8.00 7.27
C TYR A 82 -10.05 -6.62 7.39
N THR A 83 -10.28 -6.18 8.62
CA THR A 83 -10.86 -4.88 8.85
C THR A 83 -10.00 -4.14 9.87
N CYS A 84 -9.75 -2.86 9.60
CA CYS A 84 -9.19 -1.98 10.60
C CYS A 84 -10.15 -0.83 10.89
N SER A 85 -10.33 -0.53 12.16
CA SER A 85 -11.24 0.51 12.61
C SER A 85 -10.40 1.48 13.42
N ALA A 86 -10.28 2.70 12.94
CA ALA A 86 -9.48 3.72 13.59
C ALA A 86 -10.38 4.73 14.26
N LYS A 87 -10.10 5.06 15.51
CA LYS A 87 -10.90 6.06 16.17
C LYS A 87 -10.06 6.98 17.01
N GLN A 88 -10.38 8.26 16.89
CA GLN A 88 -9.61 9.32 17.49
C GLN A 88 -10.38 9.91 18.66
N ASP A 89 -9.67 10.13 19.76
CA ASP A 89 -10.26 10.79 20.91
C ASP A 89 -10.98 12.06 20.48
N GLN A 90 -12.14 12.28 21.08
CA GLN A 90 -12.91 13.53 20.90
C GLN A 90 -13.54 13.65 19.51
N SER A 91 -13.30 12.67 18.65
CA SER A 91 -14.01 12.58 17.39
C SER A 91 -15.37 11.91 17.61
N SER A 92 -16.21 11.97 16.58
CA SER A 92 -17.54 11.45 16.71
C SER A 92 -17.72 9.97 16.36
N THR A 93 -16.96 9.45 15.40
CA THR A 93 -17.20 8.10 14.88
C THR A 93 -15.91 7.45 14.40
N PRO A 94 -15.82 6.13 14.52
CA PRO A 94 -14.66 5.46 13.93
C PRO A 94 -14.70 5.48 12.41
N VAL A 95 -13.53 5.32 11.80
CA VAL A 95 -13.39 5.16 10.35
C VAL A 95 -12.89 3.76 10.10
N VAL A 96 -13.60 3.04 9.22
CA VAL A 96 -13.34 1.63 8.97
C VAL A 96 -12.90 1.44 7.52
N LYS A 97 -11.87 0.61 7.35
CA LYS A 97 -11.40 0.18 6.06
C LYS A 97 -11.27 -1.34 6.09
N ARG A 98 -11.44 -1.97 4.93
CA ARG A 98 -11.29 -3.41 4.86
C ARG A 98 -10.61 -3.86 3.57
N THR A 99 -10.10 -5.08 3.62
CA THR A 99 -9.48 -5.68 2.47
C THR A 99 -9.54 -7.21 2.56
N ARG A 100 -9.19 -7.84 1.45
CA ARG A 100 -9.09 -9.28 1.32
C ARG A 100 -8.34 -9.53 0.02
N LYS A 101 -7.83 -10.75 -0.15
CA LYS A 101 -7.05 -11.13 -1.34
C LYS A 101 -7.77 -10.79 -2.65
N ALA A 102 -6.99 -10.38 -3.65
CA ALA A 102 -7.50 -10.04 -4.98
C ALA A 102 -7.57 -11.27 -5.87
N ALA B 5 -2.72 -9.92 -14.31
CA ALA B 5 -3.13 -9.13 -13.12
C ALA B 5 -2.05 -8.12 -12.76
N VAL B 6 -2.44 -6.85 -12.74
CA VAL B 6 -1.50 -5.77 -12.48
C VAL B 6 -1.92 -5.10 -11.19
N LEU B 7 -1.00 -5.05 -10.22
CA LEU B 7 -1.24 -4.38 -8.94
C LEU B 7 -0.32 -3.19 -8.76
N LEU B 8 -0.92 -2.02 -8.62
CA LEU B 8 -0.19 -0.76 -8.53
C LEU B 8 -0.24 -0.26 -7.08
N ARG B 9 0.92 -0.08 -6.47
CA ARG B 9 1.02 0.38 -5.08
C ARG B 9 1.41 1.85 -5.04
N ASP B 10 0.58 2.64 -4.35
CA ASP B 10 0.86 4.05 -4.05
C ASP B 10 2.07 4.15 -3.11
N PRO B 11 2.74 5.31 -3.09
CA PRO B 11 3.69 5.59 -2.00
C PRO B 11 2.93 5.58 -0.68
N THR B 12 3.55 5.07 0.37
CA THR B 12 2.92 5.08 1.69
C THR B 12 3.13 6.43 2.34
N VAL B 13 2.25 6.77 3.27
CA VAL B 13 2.43 8.03 4.00
C VAL B 13 3.73 8.00 4.83
N GLU B 14 4.11 6.82 5.34
CA GLU B 14 5.35 6.65 6.09
C GLU B 14 6.56 6.98 5.20
N GLU B 15 6.55 6.50 3.96
CA GLU B 15 7.64 6.83 3.05
C GLU B 15 7.75 8.33 2.82
N ILE B 16 6.61 8.95 2.53
CA ILE B 16 6.57 10.38 2.31
C ILE B 16 7.08 11.12 3.55
N TRP B 17 6.68 10.67 4.74
CA TRP B 17 7.04 11.39 5.98
C TRP B 17 8.48 11.17 6.43
N ILE B 18 8.92 9.92 6.41
CA ILE B 18 10.22 9.55 6.97
C ILE B 18 11.34 9.63 5.94
N ASP B 19 11.11 9.04 4.76
CA ASP B 19 12.15 8.98 3.75
C ASP B 19 12.11 10.20 2.82
N LYS B 20 11.05 11.02 2.91
CA LYS B 20 10.88 12.17 2.03
C LYS B 20 11.04 11.74 0.57
N SER B 21 10.49 10.56 0.27
CA SER B 21 10.44 10.05 -1.10
C SER B 21 9.06 9.46 -1.40
N ALA B 22 8.81 9.22 -2.68
CA ALA B 22 7.55 8.66 -3.12
C ALA B 22 7.86 7.65 -4.20
N THR B 23 7.71 6.38 -3.87
CA THR B 23 7.99 5.28 -4.76
C THR B 23 6.72 4.51 -5.03
N LEU B 24 6.34 4.45 -6.30
CA LEU B 24 5.24 3.63 -6.74
C LEU B 24 5.79 2.25 -7.16
N VAL B 25 5.00 1.21 -6.96
CA VAL B 25 5.43 -0.14 -7.27
C VAL B 25 4.36 -0.84 -8.09
N CYS B 26 4.75 -1.38 -9.25
CA CYS B 26 3.85 -2.14 -10.08
C CYS B 26 4.27 -3.59 -9.96
N GLU B 27 3.37 -4.44 -9.47
CA GLU B 27 3.61 -5.87 -9.37
C GLU B 27 2.72 -6.56 -10.39
N VAL B 28 3.33 -7.35 -11.28
CA VAL B 28 2.60 -7.97 -12.39
C VAL B 28 2.57 -9.49 -12.27
N LEU B 29 1.38 -10.06 -12.40
CA LEU B 29 1.17 -11.51 -12.35
C LEU B 29 0.59 -12.03 -13.66
N VAL B 32 1.49 -17.66 -18.06
CA VAL B 32 1.98 -17.92 -19.42
C VAL B 32 3.46 -17.54 -19.54
N SER B 33 3.77 -16.41 -20.17
CA SER B 33 5.17 -16.05 -20.46
C SER B 33 5.82 -15.34 -19.28
N ALA B 34 7.14 -15.47 -19.18
CA ALA B 34 7.93 -14.74 -18.19
C ALA B 34 8.25 -13.35 -18.71
N GLY B 35 8.03 -13.15 -20.00
CA GLY B 35 8.31 -11.89 -20.67
C GLY B 35 7.19 -10.90 -20.46
N VAL B 36 7.52 -9.84 -19.75
CA VAL B 36 6.60 -8.72 -19.60
C VAL B 36 7.45 -7.47 -19.47
N VAL B 37 7.00 -6.41 -20.11
CA VAL B 37 7.66 -5.12 -20.02
C VAL B 37 6.68 -4.11 -19.43
N VAL B 38 7.12 -3.38 -18.41
CA VAL B 38 6.30 -2.38 -17.73
C VAL B 38 6.74 -0.99 -18.18
N SER B 39 5.76 -0.17 -18.57
CA SER B 39 5.98 1.19 -19.01
C SER B 39 5.16 2.11 -18.13
N TRP B 40 5.82 3.16 -17.65
CA TRP B 40 5.19 4.19 -16.85
C TRP B 40 4.91 5.49 -17.59
N MET B 41 3.80 6.14 -17.20
CA MET B 41 3.47 7.51 -17.62
C MET B 41 3.23 8.34 -16.35
N VAL B 42 3.68 9.59 -16.37
CA VAL B 42 3.37 10.55 -15.31
C VAL B 42 2.86 11.81 -15.97
N ASN B 43 1.71 12.30 -15.50
CA ASN B 43 1.08 13.49 -16.08
C ASN B 43 0.94 13.36 -17.61
N GLY B 44 0.61 12.15 -18.05
CA GLY B 44 0.34 11.87 -19.48
C GLY B 44 1.56 11.76 -20.38
N LYS B 45 2.75 11.71 -19.78
CA LYS B 45 4.00 11.58 -20.52
C LYS B 45 4.79 10.36 -20.14
N VAL B 46 5.52 9.82 -21.11
CA VAL B 46 6.51 8.78 -20.87
C VAL B 46 7.42 9.15 -19.72
N ARG B 47 7.59 8.21 -18.79
CA ARG B 47 8.56 8.37 -17.70
C ARG B 47 9.54 7.21 -17.65
N ASN B 48 10.81 7.50 -17.94
CA ASN B 48 11.91 6.55 -17.80
C ASN B 48 12.76 6.81 -16.56
N GLU B 49 12.96 8.08 -16.27
CA GLU B 49 13.79 8.46 -15.13
C GLU B 49 13.16 7.93 -13.86
N GLY B 50 13.98 7.31 -13.01
CA GLY B 50 13.51 6.76 -11.75
C GLY B 50 12.85 5.40 -11.81
N VAL B 51 12.85 4.77 -12.99
CA VAL B 51 12.26 3.45 -13.18
C VAL B 51 13.29 2.36 -13.06
N GLN B 52 12.97 1.35 -12.25
CA GLN B 52 13.84 0.16 -12.13
C GLN B 52 12.97 -1.07 -12.16
N MET B 53 13.25 -1.99 -13.09
CA MET B 53 12.56 -3.27 -13.12
C MET B 53 13.47 -4.32 -12.49
N GLU B 54 12.85 -5.31 -11.85
CA GLU B 54 13.56 -6.49 -11.38
C GLU B 54 13.25 -7.62 -12.33
N PRO B 55 14.14 -8.63 -12.41
CA PRO B 55 13.89 -9.77 -13.28
C PRO B 55 12.60 -10.52 -12.90
N THR B 56 11.92 -11.09 -13.90
CA THR B 56 10.70 -11.84 -13.66
C THR B 56 10.99 -13.06 -12.80
N LYS B 57 10.15 -13.27 -11.78
CA LYS B 57 10.27 -14.43 -10.86
C LYS B 57 9.31 -15.52 -11.27
N MET B 58 9.75 -16.77 -11.11
CA MET B 58 9.00 -17.94 -11.48
C MET B 58 8.71 -18.76 -10.24
N SER B 59 7.45 -19.13 -10.05
CA SER B 59 7.05 -20.00 -8.95
C SER B 59 5.74 -20.67 -9.31
N GLY B 60 5.76 -22.00 -9.41
CA GLY B 60 4.58 -22.77 -9.78
C GLY B 60 4.15 -22.48 -11.21
N ASN B 61 2.87 -22.12 -11.37
CA ASN B 61 2.27 -21.84 -12.68
C ASN B 61 2.22 -20.34 -12.97
N GLN B 62 3.00 -19.57 -12.23
CA GLN B 62 2.86 -18.11 -12.21
C GLN B 62 4.18 -17.36 -12.38
N TYR B 63 4.09 -16.18 -12.98
CA TYR B 63 5.25 -15.29 -13.15
C TYR B 63 4.97 -13.93 -12.49
N LEU B 64 5.92 -13.48 -11.68
CA LEU B 64 5.86 -12.17 -10.97
C LEU B 64 6.95 -11.19 -11.44
N THR B 65 6.55 -10.03 -11.96
CA THR B 65 7.50 -9.01 -12.38
C THR B 65 7.27 -7.72 -11.59
N ILE B 66 8.33 -7.16 -11.01
CA ILE B 66 8.21 -5.91 -10.20
C ILE B 66 8.94 -4.73 -10.89
N SER B 67 8.25 -3.61 -11.00
CA SER B 67 8.85 -2.39 -11.49
C SER B 67 8.55 -1.29 -10.50
N ARG B 68 9.58 -0.51 -10.17
CA ARG B 68 9.43 0.59 -9.20
C ARG B 68 9.72 1.91 -9.87
N LEU B 69 8.87 2.90 -9.60
CA LEU B 69 9.05 4.27 -10.09
C LEU B 69 9.31 5.15 -8.89
N THR B 70 10.51 5.72 -8.86
CA THR B 70 10.89 6.68 -7.85
C THR B 70 10.48 8.05 -8.38
N SER B 71 9.46 8.62 -7.75
CA SER B 71 8.99 9.94 -8.10
C SER B 71 9.63 10.90 -7.11
N SER B 72 8.88 11.89 -6.64
CA SER B 72 9.31 12.80 -5.58
C SER B 72 8.07 13.11 -4.80
N VAL B 73 8.25 13.53 -3.55
CA VAL B 73 7.14 13.96 -2.72
C VAL B 73 6.35 15.08 -3.42
N GLU B 74 7.07 16.05 -3.98
CA GLU B 74 6.47 17.19 -4.66
C GLU B 74 5.56 16.73 -5.78
N GLU B 75 6.08 15.83 -6.61
CA GLU B 75 5.33 15.37 -7.74
C GLU B 75 4.07 14.59 -7.32
N TRP B 76 4.21 13.71 -6.34
CA TRP B 76 3.06 12.97 -5.82
C TRP B 76 1.98 13.93 -5.28
N GLN B 77 2.43 14.88 -4.47
CA GLN B 77 1.51 15.79 -3.81
C GLN B 77 0.86 16.75 -4.79
N SER B 78 1.49 16.97 -5.94
CA SER B 78 0.92 17.85 -6.99
C SER B 78 -0.40 17.30 -7.56
N GLY B 79 -0.66 16.02 -7.33
CA GLY B 79 -1.91 15.38 -7.75
C GLY B 79 -1.93 14.85 -9.18
N VAL B 80 -0.77 14.84 -9.85
CA VAL B 80 -0.75 14.34 -11.22
C VAL B 80 -1.01 12.85 -11.25
N GLU B 81 -1.46 12.38 -12.41
CA GLU B 81 -1.77 10.98 -12.61
C GLU B 81 -0.53 10.16 -13.01
N TYR B 82 -0.43 8.99 -12.41
CA TYR B 82 0.59 8.01 -12.73
C TYR B 82 -0.08 6.82 -13.38
N THR B 83 0.54 6.21 -14.39
CA THR B 83 0.00 4.98 -14.96
C THR B 83 1.13 3.98 -15.14
N CYS B 84 0.84 2.70 -14.91
CA CYS B 84 1.74 1.65 -15.33
C CYS B 84 1.01 0.74 -16.30
N SER B 85 1.71 0.34 -17.34
CA SER B 85 1.16 -0.48 -18.42
C SER B 85 2.07 -1.68 -18.57
N ALA B 86 1.50 -2.87 -18.34
CA ALA B 86 2.22 -4.12 -18.44
C ALA B 86 1.83 -4.82 -19.73
N LYS B 87 2.82 -5.08 -20.59
CA LYS B 87 2.60 -5.74 -21.86
C LYS B 87 3.20 -7.12 -21.73
N GLN B 88 2.33 -8.12 -21.80
CA GLN B 88 2.71 -9.53 -21.65
C GLN B 88 2.82 -10.16 -23.03
N ASP B 89 3.66 -11.18 -23.17
CA ASP B 89 3.94 -11.78 -24.49
C ASP B 89 2.70 -12.44 -25.14
N PRO B 94 -2.08 -4.48 -23.61
CA PRO B 94 -1.48 -4.24 -22.30
C PRO B 94 -2.53 -4.02 -21.21
N VAL B 95 -2.16 -4.32 -19.96
CA VAL B 95 -3.04 -4.07 -18.84
C VAL B 95 -2.56 -2.82 -18.13
N VAL B 96 -3.47 -1.87 -17.91
CA VAL B 96 -3.10 -0.56 -17.40
C VAL B 96 -3.72 -0.34 -16.02
N LYS B 97 -2.95 0.24 -15.11
CA LYS B 97 -3.48 0.69 -13.84
C LYS B 97 -3.04 2.14 -13.62
N ARG B 98 -3.88 2.91 -12.94
CA ARG B 98 -3.64 4.32 -12.72
C ARG B 98 -3.87 4.72 -11.29
N THR B 99 -3.17 5.76 -10.86
CA THR B 99 -3.36 6.31 -9.55
C THR B 99 -2.95 7.77 -9.49
N ARG B 100 -3.34 8.43 -8.42
CA ARG B 100 -2.98 9.81 -8.12
C ARG B 100 -3.28 10.06 -6.64
N LYS B 101 -2.67 11.09 -6.06
CA LYS B 101 -2.97 11.46 -4.69
C LYS B 101 -4.45 11.86 -4.55
N ALA B 102 -5.10 11.41 -3.47
CA ALA B 102 -6.54 11.64 -3.24
C ALA B 102 -6.83 13.09 -2.83
#